data_4TZM
#
_entry.id   4TZM
#
_cell.length_a   47.676
_cell.length_b   66.005
_cell.length_c   94.649
_cell.angle_alpha   90.00
_cell.angle_beta   90.27
_cell.angle_gamma   90.00
#
_symmetry.space_group_name_H-M   'P 1 21 1'
#
loop_
_entity.id
_entity.type
_entity.pdbx_description
1 polymer 'Protein HTP-2'
2 polymer 'C. elegans HTP-3 closure motif1'
3 water water
#
loop_
_entity_poly.entity_id
_entity_poly.type
_entity_poly.pdbx_seq_one_letter_code
_entity_poly.pdbx_strand_id
1 'polypeptide(L)'
;MAPLENNYNESLNKSKDAIDDKTWSKLFPSIVSDPDRSSNFMIRAIYVVFSAVLRQRNILEKEYFSKNYITENLSCMTLS
FKNLRAHQIAQLLRAAGDATKDGFLKEISLVVTEHDGDVEAIEVFSMKFIYFENGGVVARLSTDNNDQEDPHFAELAQLR
YEGAESVRDQMVTIVRSVQFLCTKVLEPLPAEFTANFRLKYTNDAPSNFRIDGFDDSSTFYTLPDGIQSVTIGHLRPGHH
AAHMQCWSKSMSD
;
A,B
2 'polypeptide(L)' TARYGVSNTSINRKKP C,D
#
# COMPACT_ATOMS: atom_id res chain seq x y z
N ASN A 6 -1.97 25.33 -9.42
CA ASN A 6 -0.55 25.08 -9.35
C ASN A 6 0.14 25.39 -10.68
N ASN A 7 -0.60 25.16 -11.78
CA ASN A 7 -0.11 25.53 -13.10
C ASN A 7 -0.69 26.87 -13.53
N TYR A 8 0.12 27.93 -13.41
CA TYR A 8 -0.36 29.28 -13.70
C TYR A 8 -0.18 29.67 -15.15
N ASN A 9 0.30 28.74 -15.96
CA ASN A 9 0.41 28.96 -17.40
C ASN A 9 -0.92 28.73 -18.10
N GLU A 10 -1.89 28.16 -17.38
CA GLU A 10 -3.19 27.87 -17.96
C GLU A 10 -4.36 28.24 -17.05
N SER A 11 -4.08 28.45 -15.77
CA SER A 11 -5.15 28.75 -14.81
C SER A 11 -4.66 29.47 -13.55
N LEU A 12 -5.45 30.42 -13.07
CA LEU A 12 -5.16 31.13 -11.82
C LEU A 12 -5.82 30.43 -10.63
N ASN A 13 -6.72 29.50 -10.93
CA ASN A 13 -7.39 28.73 -9.89
C ASN A 13 -6.50 27.59 -9.40
N LYS A 14 -6.67 27.17 -8.15
CA LYS A 14 -5.92 26.06 -7.61
C LYS A 14 -6.33 24.75 -8.30
N SER A 15 -5.35 23.88 -8.55
CA SER A 15 -5.62 22.60 -9.20
C SER A 15 -6.41 21.68 -8.28
N LYS A 16 -7.35 20.94 -8.86
CA LYS A 16 -8.12 19.96 -8.12
C LYS A 16 -7.92 18.56 -8.69
N ASP A 17 -7.65 17.59 -7.82
CA ASP A 17 -7.53 16.21 -8.29
C ASP A 17 -8.89 15.72 -8.77
N ALA A 18 -9.23 16.08 -10.00
CA ALA A 18 -10.49 15.70 -10.60
C ALA A 18 -10.39 15.79 -12.11
N ILE A 19 -11.20 15.01 -12.81
CA ILE A 19 -11.17 15.01 -14.26
C ILE A 19 -12.11 16.08 -14.82
N ASP A 20 -11.55 16.98 -15.62
CA ASP A 20 -12.34 18.01 -16.28
C ASP A 20 -12.58 17.61 -17.74
N ASP A 21 -13.56 16.73 -17.95
CA ASP A 21 -13.89 16.22 -19.27
C ASP A 21 -15.37 15.89 -19.36
N LYS A 22 -16.04 16.47 -20.35
CA LYS A 22 -17.48 16.31 -20.52
C LYS A 22 -17.86 14.86 -20.86
N THR A 23 -17.05 14.23 -21.70
CA THR A 23 -17.29 12.86 -22.15
C THR A 23 -17.11 11.86 -21.01
N TRP A 24 -16.04 12.03 -20.24
CA TRP A 24 -15.75 11.15 -19.11
C TRP A 24 -16.87 11.16 -18.08
N SER A 25 -17.44 12.34 -17.84
CA SER A 25 -18.46 12.49 -16.80
C SER A 25 -19.77 11.81 -17.16
N LYS A 26 -19.92 11.42 -18.41
CA LYS A 26 -21.13 10.77 -18.89
C LYS A 26 -21.25 9.34 -18.37
N LEU A 27 -20.12 8.73 -18.04
CA LEU A 27 -20.11 7.34 -17.59
C LEU A 27 -19.48 7.15 -16.22
N PHE A 28 -18.58 8.06 -15.83
CA PHE A 28 -17.77 7.88 -14.63
C PHE A 28 -17.80 9.09 -13.70
N PRO A 29 -17.54 8.88 -12.40
CA PRO A 29 -17.39 10.02 -11.48
C PRO A 29 -16.12 10.80 -11.79
N SER A 30 -16.16 12.12 -11.63
CA SER A 30 -15.00 12.96 -11.95
C SER A 30 -13.99 12.96 -10.82
N ILE A 31 -14.45 12.64 -9.61
CA ILE A 31 -13.58 12.51 -8.46
C ILE A 31 -13.66 11.07 -7.94
N VAL A 32 -12.50 10.46 -7.70
CA VAL A 32 -12.44 9.07 -7.28
C VAL A 32 -11.53 8.88 -6.06
N SER A 33 -11.19 9.98 -5.40
CA SER A 33 -10.22 9.96 -4.31
C SER A 33 -10.83 9.54 -2.96
N ASP A 34 -12.10 9.86 -2.76
CA ASP A 34 -12.78 9.52 -1.51
C ASP A 34 -13.41 8.13 -1.59
N PRO A 35 -13.61 7.46 -0.43
CA PRO A 35 -14.05 6.06 -0.37
C PRO A 35 -15.33 5.74 -1.15
N ASP A 36 -16.35 6.57 -1.04
CA ASP A 36 -17.62 6.31 -1.72
C ASP A 36 -17.49 6.46 -3.23
N ARG A 37 -16.80 7.50 -3.69
CA ARG A 37 -16.67 7.74 -5.12
C ARG A 37 -15.61 6.83 -5.74
N SER A 38 -14.69 6.33 -4.92
CA SER A 38 -13.73 5.33 -5.35
C SER A 38 -14.45 4.02 -5.65
N SER A 39 -15.47 3.76 -4.84
CA SER A 39 -16.31 2.58 -4.93
C SER A 39 -17.33 2.73 -6.05
N ASN A 40 -17.87 3.94 -6.20
CA ASN A 40 -18.77 4.22 -7.31
C ASN A 40 -18.05 4.06 -8.63
N PHE A 41 -16.76 4.35 -8.64
CA PHE A 41 -16.01 4.18 -9.87
C PHE A 41 -15.89 2.70 -10.25
N MET A 42 -15.65 1.83 -9.28
CA MET A 42 -15.49 0.40 -9.56
C MET A 42 -16.79 -0.18 -10.12
N ILE A 43 -17.92 0.29 -9.59
CA ILE A 43 -19.24 -0.11 -10.08
C ILE A 43 -19.40 0.21 -11.56
N ARG A 44 -19.03 1.44 -11.94
CA ARG A 44 -19.10 1.86 -13.33
C ARG A 44 -18.09 1.10 -14.18
N ALA A 45 -16.92 0.79 -13.59
CA ALA A 45 -15.88 0.05 -14.29
C ALA A 45 -16.32 -1.38 -14.62
N ILE A 46 -16.96 -2.05 -13.67
CA ILE A 46 -17.48 -3.38 -13.89
C ILE A 46 -18.49 -3.36 -15.04
N TYR A 47 -19.37 -2.38 -15.02
CA TYR A 47 -20.42 -2.24 -16.03
C TYR A 47 -19.83 -2.02 -17.43
N VAL A 48 -18.82 -1.16 -17.51
CA VAL A 48 -18.25 -0.79 -18.79
C VAL A 48 -17.38 -1.90 -19.38
N VAL A 49 -16.49 -2.44 -18.56
CA VAL A 49 -15.55 -3.46 -19.05
C VAL A 49 -16.28 -4.74 -19.44
N PHE A 50 -17.18 -5.22 -18.59
CA PHE A 50 -17.90 -6.45 -18.90
C PHE A 50 -18.88 -6.30 -20.05
N SER A 51 -19.38 -5.08 -20.25
CA SER A 51 -20.18 -4.79 -21.43
C SER A 51 -19.33 -4.92 -22.68
N ALA A 52 -18.13 -4.34 -22.64
CA ALA A 52 -17.19 -4.42 -23.74
C ALA A 52 -16.84 -5.87 -24.05
N VAL A 53 -16.61 -6.67 -23.03
CA VAL A 53 -16.26 -8.07 -23.23
C VAL A 53 -17.41 -8.84 -23.89
N LEU A 54 -18.62 -8.68 -23.35
CA LEU A 54 -19.80 -9.34 -23.90
C LEU A 54 -19.99 -9.00 -25.38
N ARG A 55 -19.86 -7.72 -25.72
CA ARG A 55 -20.06 -7.29 -27.10
C ARG A 55 -18.92 -7.73 -28.01
N GLN A 56 -17.70 -7.40 -27.62
CA GLN A 56 -16.51 -7.65 -28.45
C GLN A 56 -16.28 -9.13 -28.73
N ARG A 57 -16.66 -9.99 -27.78
CA ARG A 57 -16.54 -11.43 -27.97
C ARG A 57 -17.78 -12.00 -28.66
N ASN A 58 -18.71 -11.11 -29.01
CA ASN A 58 -19.92 -11.47 -29.74
C ASN A 58 -20.79 -12.47 -28.96
N ILE A 59 -20.74 -12.35 -27.63
CA ILE A 59 -21.55 -13.18 -26.75
C ILE A 59 -22.99 -12.70 -26.81
N LEU A 60 -23.15 -11.39 -26.90
CA LEU A 60 -24.46 -10.77 -27.12
C LEU A 60 -24.40 -9.88 -28.35
N GLU A 61 -25.44 -9.94 -29.19
CA GLU A 61 -25.52 -9.14 -30.41
C GLU A 61 -25.58 -7.65 -30.09
N LYS A 62 -25.21 -6.82 -31.08
CA LYS A 62 -25.14 -5.37 -30.90
C LYS A 62 -26.48 -4.72 -30.51
N GLU A 63 -27.57 -5.46 -30.66
CA GLU A 63 -28.90 -4.96 -30.29
C GLU A 63 -29.03 -4.74 -28.79
N TYR A 64 -28.30 -5.54 -28.01
CA TYR A 64 -28.33 -5.46 -26.55
C TYR A 64 -27.48 -4.32 -26.00
N PHE A 65 -26.79 -3.61 -26.89
CA PHE A 65 -25.85 -2.57 -26.48
C PHE A 65 -26.17 -1.21 -27.06
N SER A 66 -25.49 -0.19 -26.55
CA SER A 66 -25.60 1.16 -27.11
C SER A 66 -24.21 1.78 -27.20
N LYS A 67 -24.05 2.74 -28.09
CA LYS A 67 -22.75 3.36 -28.29
C LYS A 67 -22.47 4.43 -27.25
N ASN A 68 -21.33 4.30 -26.59
CA ASN A 68 -20.86 5.29 -25.63
C ASN A 68 -19.43 5.68 -25.93
N TYR A 69 -18.96 6.74 -25.28
CA TYR A 69 -17.57 7.19 -25.40
C TYR A 69 -16.94 7.34 -24.04
N ILE A 70 -15.68 6.93 -23.94
CA ILE A 70 -14.89 7.13 -22.73
C ILE A 70 -14.04 8.38 -22.89
N THR A 71 -13.48 8.55 -24.08
CA THR A 71 -12.85 9.80 -24.48
C THR A 71 -13.40 10.19 -25.84
N GLU A 72 -13.00 11.34 -26.36
CA GLU A 72 -13.47 11.78 -27.66
C GLU A 72 -12.98 10.84 -28.76
N ASN A 73 -11.83 10.21 -28.51
CA ASN A 73 -11.18 9.35 -29.48
C ASN A 73 -11.65 7.89 -29.38
N LEU A 74 -12.13 7.50 -28.20
CA LEU A 74 -12.39 6.09 -27.90
C LEU A 74 -13.85 5.81 -27.54
N SER A 75 -14.42 4.83 -28.22
CA SER A 75 -15.81 4.45 -28.00
C SER A 75 -15.93 2.99 -27.55
N CYS A 76 -17.08 2.64 -27.01
CA CYS A 76 -17.34 1.28 -26.56
C CYS A 76 -18.84 1.01 -26.56
N MET A 77 -19.20 -0.26 -26.46
CA MET A 77 -20.61 -0.65 -26.41
C MET A 77 -21.01 -1.04 -24.99
N THR A 78 -21.92 -0.26 -24.40
CA THR A 78 -22.42 -0.55 -23.05
C THR A 78 -23.84 -1.13 -23.12
N LEU A 79 -24.14 -2.07 -22.23
CA LEU A 79 -25.46 -2.70 -22.20
C LEU A 79 -26.58 -1.66 -22.10
N SER A 80 -27.63 -1.86 -22.88
CA SER A 80 -28.74 -0.91 -22.96
C SER A 80 -29.81 -1.22 -21.93
N PHE A 81 -30.28 -0.19 -21.23
CA PHE A 81 -31.29 -0.35 -20.20
C PHE A 81 -32.70 -0.40 -20.77
N LYS A 82 -32.83 -0.14 -22.06
CA LYS A 82 -34.12 -0.20 -22.74
C LYS A 82 -34.45 -1.63 -23.14
N ASN A 83 -33.43 -2.39 -23.53
CA ASN A 83 -33.59 -3.82 -23.77
C ASN A 83 -33.69 -4.55 -22.43
N LEU A 84 -34.75 -5.35 -22.27
CA LEU A 84 -35.06 -5.95 -20.97
C LEU A 84 -34.03 -6.99 -20.53
N ARG A 85 -33.60 -7.85 -21.44
CA ARG A 85 -32.59 -8.86 -21.08
C ARG A 85 -31.22 -8.22 -20.81
N ALA A 86 -30.90 -7.17 -21.55
CA ALA A 86 -29.64 -6.47 -21.36
C ALA A 86 -29.69 -5.75 -20.02
N HIS A 87 -30.87 -5.24 -19.69
CA HIS A 87 -31.11 -4.56 -18.42
C HIS A 87 -30.92 -5.51 -17.23
N GLN A 88 -31.35 -6.76 -17.39
CA GLN A 88 -31.24 -7.75 -16.33
C GLN A 88 -29.79 -8.11 -16.07
N ILE A 89 -28.98 -8.14 -17.12
CA ILE A 89 -27.55 -8.36 -16.98
C ILE A 89 -26.88 -7.18 -16.28
N ALA A 90 -27.26 -5.95 -16.67
CA ALA A 90 -26.68 -4.77 -16.05
C ALA A 90 -26.93 -4.75 -14.55
N GLN A 91 -28.12 -5.23 -14.14
CA GLN A 91 -28.45 -5.28 -12.72
C GLN A 91 -27.60 -6.29 -11.98
N LEU A 92 -27.32 -7.42 -12.62
CA LEU A 92 -26.33 -8.36 -12.13
C LEU A 92 -25.03 -7.63 -11.82
N LEU A 93 -24.56 -6.86 -12.79
CA LEU A 93 -23.28 -6.17 -12.66
C LEU A 93 -23.35 -5.08 -11.60
N ARG A 94 -24.51 -4.45 -11.45
CA ARG A 94 -24.69 -3.39 -10.46
C ARG A 94 -24.69 -3.98 -9.05
N ALA A 95 -25.33 -5.15 -8.92
CA ALA A 95 -25.38 -5.83 -7.63
C ALA A 95 -23.98 -6.22 -7.16
N ALA A 96 -23.17 -6.74 -8.08
CA ALA A 96 -21.82 -7.16 -7.76
C ALA A 96 -20.97 -5.94 -7.42
N GLY A 97 -21.14 -4.87 -8.20
CA GLY A 97 -20.50 -3.60 -7.92
C GLY A 97 -20.88 -3.00 -6.57
N ASP A 98 -22.14 -3.14 -6.18
CA ASP A 98 -22.58 -2.57 -4.90
C ASP A 98 -21.88 -3.26 -3.73
N ALA A 99 -21.46 -4.50 -3.96
CA ALA A 99 -20.77 -5.27 -2.93
C ALA A 99 -19.34 -4.76 -2.67
N THR A 100 -18.82 -3.88 -3.53
CA THR A 100 -17.49 -3.32 -3.26
C THR A 100 -17.58 -2.21 -2.22
N LYS A 101 -18.78 -1.64 -2.05
CA LYS A 101 -18.98 -0.62 -1.02
C LYS A 101 -18.88 -1.25 0.36
N ASP A 102 -19.55 -2.39 0.52
CA ASP A 102 -19.46 -3.15 1.76
C ASP A 102 -18.06 -3.75 1.91
N GLY A 103 -17.38 -3.97 0.79
CA GLY A 103 -16.07 -4.58 0.79
C GLY A 103 -16.12 -6.10 0.83
N PHE A 104 -17.14 -6.68 0.20
CA PHE A 104 -17.40 -8.11 0.33
C PHE A 104 -17.08 -8.91 -0.93
N LEU A 105 -16.81 -8.21 -2.03
CA LEU A 105 -16.56 -8.87 -3.31
C LEU A 105 -15.08 -9.09 -3.56
N LYS A 106 -14.68 -10.34 -3.72
CA LYS A 106 -13.28 -10.71 -3.99
C LYS A 106 -12.98 -10.72 -5.50
N GLU A 107 -13.83 -11.39 -6.25
CA GLU A 107 -13.66 -11.53 -7.70
C GLU A 107 -14.99 -11.73 -8.40
N ILE A 108 -15.21 -11.01 -9.50
CA ILE A 108 -16.32 -11.33 -10.37
C ILE A 108 -15.79 -11.74 -11.76
N SER A 109 -16.26 -12.88 -12.25
CA SER A 109 -15.76 -13.39 -13.51
C SER A 109 -16.87 -13.70 -14.51
N LEU A 110 -16.61 -13.37 -15.76
CA LEU A 110 -17.44 -13.82 -16.87
C LEU A 110 -16.89 -15.16 -17.35
N VAL A 111 -17.68 -16.22 -17.17
CA VAL A 111 -17.20 -17.57 -17.41
C VAL A 111 -17.91 -18.24 -18.58
N VAL A 112 -17.14 -18.70 -19.55
CA VAL A 112 -17.70 -19.36 -20.73
C VAL A 112 -17.38 -20.86 -20.73
N THR A 113 -18.43 -21.66 -20.84
CA THR A 113 -18.30 -23.11 -20.88
C THR A 113 -19.03 -23.69 -22.08
N GLU A 114 -18.65 -24.88 -22.53
CA GLU A 114 -19.33 -25.53 -23.64
C GLU A 114 -20.72 -26.02 -23.22
N HIS A 115 -20.80 -26.61 -22.03
CA HIS A 115 -22.07 -27.11 -21.51
C HIS A 115 -22.50 -26.35 -20.28
N ASP A 116 -23.81 -26.12 -20.16
CA ASP A 116 -24.37 -25.37 -19.04
C ASP A 116 -24.12 -26.11 -17.73
N GLY A 117 -23.44 -25.44 -16.81
CA GLY A 117 -23.19 -26.01 -15.49
C GLY A 117 -21.77 -26.50 -15.26
N ASP A 118 -20.94 -26.40 -16.28
CA ASP A 118 -19.55 -26.86 -16.18
C ASP A 118 -18.77 -26.04 -15.16
N VAL A 119 -17.92 -26.72 -14.40
CA VAL A 119 -17.05 -26.07 -13.43
C VAL A 119 -15.72 -25.74 -14.11
N GLU A 120 -15.49 -26.34 -15.28
CA GLU A 120 -14.30 -26.06 -16.06
C GLU A 120 -14.66 -25.18 -17.25
N ALA A 121 -13.98 -24.04 -17.38
CA ALA A 121 -14.31 -23.09 -18.43
C ALA A 121 -13.38 -23.21 -19.63
N ILE A 122 -13.82 -22.66 -20.76
CA ILE A 122 -13.02 -22.59 -21.96
C ILE A 122 -12.52 -21.16 -22.18
N GLU A 123 -13.13 -20.23 -21.45
CA GLU A 123 -12.73 -18.82 -21.49
C GLU A 123 -13.20 -18.08 -20.23
N VAL A 124 -12.32 -17.28 -19.63
CA VAL A 124 -12.66 -16.53 -18.44
C VAL A 124 -12.15 -15.09 -18.48
N PHE A 125 -13.04 -14.15 -18.22
CA PHE A 125 -12.63 -12.76 -17.99
C PHE A 125 -12.87 -12.41 -16.52
N SER A 126 -11.79 -12.23 -15.76
CA SER A 126 -11.88 -12.06 -14.32
C SER A 126 -11.46 -10.68 -13.85
N MET A 127 -12.18 -10.16 -12.86
CA MET A 127 -11.82 -8.90 -12.23
C MET A 127 -11.68 -9.11 -10.72
N LYS A 128 -10.44 -9.11 -10.23
CA LYS A 128 -10.17 -9.36 -8.82
C LYS A 128 -9.89 -8.06 -8.08
N PHE A 129 -10.36 -7.98 -6.84
CA PHE A 129 -10.33 -6.72 -6.12
C PHE A 129 -9.42 -6.72 -4.90
N ILE A 130 -8.95 -5.53 -4.54
CA ILE A 130 -8.20 -5.32 -3.31
C ILE A 130 -8.79 -4.12 -2.61
N TYR A 131 -8.99 -4.23 -1.31
CA TYR A 131 -9.56 -3.15 -0.53
C TYR A 131 -8.48 -2.50 0.32
N PHE A 132 -8.49 -1.18 0.42
CA PHE A 132 -7.50 -0.48 1.21
C PHE A 132 -8.13 0.25 2.38
N GLU A 133 -7.31 0.47 3.41
CA GLU A 133 -7.73 1.18 4.61
C GLU A 133 -6.70 2.24 4.94
N ASN A 134 -6.94 3.02 5.99
CA ASN A 134 -6.02 4.05 6.43
C ASN A 134 -5.64 5.01 5.30
N GLY A 135 -6.59 5.84 4.90
CA GLY A 135 -6.37 6.79 3.82
C GLY A 135 -6.23 6.15 2.46
N GLY A 136 -6.67 4.90 2.34
CA GLY A 136 -6.59 4.16 1.09
C GLY A 136 -5.17 3.74 0.73
N VAL A 137 -4.34 3.57 1.76
CA VAL A 137 -2.92 3.25 1.56
C VAL A 137 -2.57 1.79 1.86
N VAL A 138 -3.12 1.26 2.95
CA VAL A 138 -2.78 -0.09 3.42
C VAL A 138 -3.82 -1.14 2.99
N ALA A 139 -3.35 -2.16 2.30
CA ALA A 139 -4.23 -3.23 1.81
C ALA A 139 -4.71 -4.14 2.95
N ARG A 140 -6.00 -4.51 2.91
CA ARG A 140 -6.55 -5.44 3.89
C ARG A 140 -6.18 -6.88 3.55
N LEU A 141 -5.93 -7.68 4.59
CA LEU A 141 -5.74 -9.12 4.40
C LEU A 141 -6.01 -9.89 5.70
N GLU A 149 -0.69 -15.78 -2.28
CA GLU A 149 -1.70 -16.61 -2.92
C GLU A 149 -1.76 -16.34 -4.42
N ASP A 150 -2.33 -15.20 -4.79
CA ASP A 150 -2.47 -14.78 -6.18
C ASP A 150 -1.30 -13.91 -6.64
N PRO A 151 -0.81 -14.13 -7.86
CA PRO A 151 0.42 -13.50 -8.39
C PRO A 151 0.34 -11.98 -8.47
N HIS A 152 -0.87 -11.44 -8.68
CA HIS A 152 -1.05 -10.02 -8.89
C HIS A 152 -0.99 -9.21 -7.58
N PHE A 153 -1.39 -9.86 -6.49
CA PHE A 153 -1.63 -9.16 -5.22
C PHE A 153 -0.42 -8.37 -4.73
N ALA A 154 0.72 -9.03 -4.60
CA ALA A 154 1.93 -8.39 -4.06
C ALA A 154 2.25 -7.06 -4.75
N GLU A 155 2.16 -7.03 -6.08
CA GLU A 155 2.44 -5.81 -6.81
C GLU A 155 1.31 -4.78 -6.65
N LEU A 156 0.09 -5.20 -6.97
CA LEU A 156 -1.07 -4.30 -6.95
C LEU A 156 -1.35 -3.71 -5.56
N ALA A 157 -1.03 -4.46 -4.52
CA ALA A 157 -1.24 -3.99 -3.15
C ALA A 157 -0.31 -2.81 -2.84
N GLN A 158 0.89 -2.87 -3.39
CA GLN A 158 1.89 -1.81 -3.21
C GLN A 158 1.59 -0.59 -4.07
N LEU A 159 0.76 -0.78 -5.09
CA LEU A 159 0.47 0.29 -6.04
C LEU A 159 -0.27 1.48 -5.42
N ARG A 160 0.28 2.67 -5.60
CA ARG A 160 -0.24 3.90 -5.00
C ARG A 160 -1.40 4.48 -5.81
N TYR A 161 -2.25 5.25 -5.13
CA TYR A 161 -3.24 6.05 -5.83
C TYR A 161 -2.54 7.31 -6.36
N GLU A 162 -2.58 7.52 -7.67
CA GLU A 162 -1.80 8.56 -8.30
C GLU A 162 -2.63 9.67 -8.95
N GLY A 163 -3.91 9.73 -8.61
CA GLY A 163 -4.74 10.81 -9.08
C GLY A 163 -5.84 10.37 -10.04
N ALA A 164 -6.80 11.25 -10.29
CA ALA A 164 -7.92 10.94 -11.18
C ALA A 164 -7.46 10.72 -12.61
N GLU A 165 -6.53 11.54 -13.08
CA GLU A 165 -6.07 11.43 -14.47
C GLU A 165 -5.40 10.08 -14.71
N SER A 166 -4.67 9.57 -13.72
CA SER A 166 -4.04 8.25 -13.85
C SER A 166 -5.10 7.16 -13.93
N VAL A 167 -6.19 7.31 -13.18
CA VAL A 167 -7.28 6.34 -13.24
C VAL A 167 -7.93 6.33 -14.63
N ARG A 168 -8.17 7.52 -15.18
CA ARG A 168 -8.69 7.65 -16.54
C ARG A 168 -7.77 6.98 -17.56
N ASP A 169 -6.46 7.15 -17.39
CA ASP A 169 -5.48 6.49 -18.25
C ASP A 169 -5.57 4.97 -18.13
N GLN A 170 -5.76 4.50 -16.90
CA GLN A 170 -5.84 3.06 -16.64
C GLN A 170 -7.12 2.49 -17.24
N MET A 171 -8.19 3.28 -17.23
CA MET A 171 -9.48 2.84 -17.78
C MET A 171 -9.44 2.80 -19.30
N VAL A 172 -8.84 3.82 -19.90
CA VAL A 172 -8.65 3.88 -21.34
C VAL A 172 -7.80 2.70 -21.83
N THR A 173 -6.75 2.38 -21.08
CA THR A 173 -5.89 1.25 -21.40
C THR A 173 -6.63 -0.09 -21.37
N ILE A 174 -7.47 -0.28 -20.36
CA ILE A 174 -8.20 -1.53 -20.19
C ILE A 174 -9.15 -1.78 -21.36
N VAL A 175 -9.92 -0.76 -21.71
CA VAL A 175 -10.91 -0.85 -22.78
C VAL A 175 -10.26 -1.02 -24.14
N ARG A 176 -9.15 -0.33 -24.38
CA ARG A 176 -8.38 -0.52 -25.60
C ARG A 176 -7.84 -1.93 -25.69
N SER A 177 -7.28 -2.42 -24.59
CA SER A 177 -6.72 -3.77 -24.56
C SER A 177 -7.80 -4.83 -24.76
N VAL A 178 -8.97 -4.62 -24.16
CA VAL A 178 -10.09 -5.54 -24.35
C VAL A 178 -10.51 -5.58 -25.83
N GLN A 179 -10.76 -4.41 -26.40
CA GLN A 179 -11.13 -4.34 -27.81
C GLN A 179 -10.06 -4.93 -28.72
N PHE A 180 -8.80 -4.72 -28.36
CA PHE A 180 -7.71 -5.28 -29.17
C PHE A 180 -7.59 -6.79 -28.99
N LEU A 181 -7.66 -7.25 -27.74
CA LEU A 181 -7.60 -8.67 -27.42
C LEU A 181 -8.70 -9.48 -28.12
N CYS A 182 -9.94 -9.00 -28.01
CA CYS A 182 -11.09 -9.76 -28.51
C CYS A 182 -11.18 -9.75 -30.03
N THR A 183 -10.66 -8.69 -30.65
CA THR A 183 -10.74 -8.52 -32.10
C THR A 183 -9.53 -9.09 -32.85
N LYS A 184 -8.32 -8.76 -32.39
CA LYS A 184 -7.11 -9.08 -33.14
C LYS A 184 -6.29 -10.24 -32.57
N VAL A 185 -6.59 -10.69 -31.36
CA VAL A 185 -5.78 -11.73 -30.72
C VAL A 185 -6.54 -13.04 -30.52
N LEU A 186 -7.69 -12.98 -29.86
CA LEU A 186 -8.47 -14.18 -29.57
C LEU A 186 -9.13 -14.76 -30.81
N GLU A 187 -9.19 -16.08 -30.89
CA GLU A 187 -10.00 -16.77 -31.88
C GLU A 187 -11.47 -16.56 -31.56
N PRO A 188 -12.36 -16.69 -32.56
CA PRO A 188 -13.79 -16.62 -32.28
C PRO A 188 -14.23 -17.74 -31.34
N LEU A 189 -15.26 -17.49 -30.53
CA LEU A 189 -15.82 -18.50 -29.66
C LEU A 189 -16.48 -19.61 -30.49
N PRO A 190 -16.49 -20.84 -29.98
CA PRO A 190 -17.15 -21.96 -30.66
C PRO A 190 -18.64 -21.69 -30.92
N ALA A 191 -19.26 -22.52 -31.77
CA ALA A 191 -20.65 -22.31 -32.15
C ALA A 191 -21.61 -22.53 -30.99
N GLU A 192 -21.20 -23.35 -30.04
CA GLU A 192 -22.03 -23.64 -28.88
C GLU A 192 -21.29 -23.37 -27.57
N PHE A 193 -21.91 -22.57 -26.70
CA PHE A 193 -21.32 -22.27 -25.40
C PHE A 193 -22.35 -21.75 -24.42
N THR A 194 -22.00 -21.81 -23.14
CA THR A 194 -22.79 -21.21 -22.07
C THR A 194 -21.98 -20.12 -21.39
N ALA A 195 -22.50 -18.89 -21.38
CA ALA A 195 -21.83 -17.78 -20.70
C ALA A 195 -22.44 -17.55 -19.32
N ASN A 196 -21.58 -17.34 -18.33
CA ASN A 196 -22.00 -17.27 -16.93
C ASN A 196 -21.26 -16.17 -16.16
N PHE A 197 -21.94 -15.57 -15.19
CA PHE A 197 -21.29 -14.67 -14.24
C PHE A 197 -21.16 -15.37 -12.90
N ARG A 198 -19.92 -15.50 -12.42
CA ARG A 198 -19.67 -16.20 -11.17
C ARG A 198 -18.75 -15.36 -10.29
N LEU A 199 -19.03 -15.30 -9.00
CA LEU A 199 -18.26 -14.44 -8.11
C LEU A 199 -17.80 -15.14 -6.84
N LYS A 200 -16.85 -14.51 -6.16
CA LYS A 200 -16.31 -15.05 -4.92
C LYS A 200 -16.40 -13.98 -3.84
N TYR A 201 -17.02 -14.34 -2.72
CA TYR A 201 -17.14 -13.44 -1.59
C TYR A 201 -15.82 -13.37 -0.83
N THR A 202 -15.60 -12.28 -0.12
CA THR A 202 -14.44 -12.16 0.76
C THR A 202 -14.69 -12.90 2.07
N ASN A 203 -13.64 -13.06 2.88
CA ASN A 203 -13.78 -13.72 4.18
C ASN A 203 -14.58 -12.88 5.16
N ASP A 204 -14.55 -11.56 4.97
CA ASP A 204 -15.24 -10.63 5.84
C ASP A 204 -16.76 -10.71 5.66
N ALA A 205 -17.18 -11.17 4.48
CA ALA A 205 -18.59 -11.23 4.12
C ALA A 205 -19.38 -12.14 5.08
N PRO A 206 -20.46 -11.60 5.65
CA PRO A 206 -21.36 -12.38 6.52
C PRO A 206 -22.09 -13.47 5.74
N SER A 207 -22.59 -14.48 6.44
CA SER A 207 -23.27 -15.58 5.78
C SER A 207 -24.66 -15.17 5.28
N ASN A 208 -25.28 -14.21 5.95
CA ASN A 208 -26.61 -13.75 5.57
C ASN A 208 -26.59 -12.73 4.43
N PHE A 209 -25.41 -12.16 4.17
CA PHE A 209 -25.27 -11.24 3.05
C PHE A 209 -25.14 -12.00 1.75
N ARG A 210 -26.04 -11.72 0.81
CA ARG A 210 -25.97 -12.35 -0.51
C ARG A 210 -26.18 -11.31 -1.59
N ILE A 211 -25.40 -11.42 -2.65
CA ILE A 211 -25.53 -10.49 -3.75
C ILE A 211 -26.74 -10.85 -4.59
N ASP A 212 -27.59 -9.86 -4.86
CA ASP A 212 -28.84 -10.09 -5.58
C ASP A 212 -28.56 -10.58 -7.00
N GLY A 213 -29.15 -11.73 -7.34
CA GLY A 213 -29.01 -12.29 -8.67
C GLY A 213 -28.05 -13.46 -8.69
N PHE A 214 -27.31 -13.63 -7.60
CA PHE A 214 -26.32 -14.69 -7.50
C PHE A 214 -26.68 -15.69 -6.41
N ASP A 215 -27.12 -16.88 -6.82
CA ASP A 215 -27.39 -17.96 -5.89
C ASP A 215 -26.07 -18.53 -5.37
N ASP A 216 -26.03 -18.91 -4.10
CA ASP A 216 -24.81 -19.44 -3.50
C ASP A 216 -24.38 -20.75 -4.15
N SER A 217 -23.08 -21.00 -4.15
CA SER A 217 -22.51 -22.17 -4.81
C SER A 217 -21.28 -22.68 -4.09
N SER A 218 -21.09 -24.00 -4.12
CA SER A 218 -19.89 -24.62 -3.58
C SER A 218 -18.87 -24.84 -4.69
N THR A 219 -19.11 -24.22 -5.83
CA THR A 219 -18.22 -24.34 -6.99
C THR A 219 -18.03 -23.00 -7.69
N PHE A 220 -16.77 -22.68 -7.99
CA PHE A 220 -16.42 -21.46 -8.71
C PHE A 220 -16.22 -21.80 -10.18
N TYR A 221 -14.97 -21.71 -10.65
CA TYR A 221 -14.59 -22.22 -11.96
C TYR A 221 -13.18 -22.80 -11.91
N THR A 222 -12.90 -23.74 -12.81
CA THR A 222 -11.58 -24.34 -12.90
C THR A 222 -11.04 -24.13 -14.32
N LEU A 223 -9.73 -24.16 -14.48
CA LEU A 223 -9.11 -23.94 -15.77
C LEU A 223 -8.48 -25.23 -16.29
N PRO A 224 -8.28 -25.32 -17.61
CA PRO A 224 -7.44 -26.38 -18.17
C PRO A 224 -6.00 -26.19 -17.70
N ASP A 225 -5.16 -27.20 -17.91
CA ASP A 225 -3.78 -27.13 -17.41
C ASP A 225 -2.86 -26.38 -18.36
N GLY A 226 -3.25 -26.31 -19.64
CA GLY A 226 -2.42 -25.65 -20.64
C GLY A 226 -3.05 -24.38 -21.18
N ILE A 227 -4.04 -23.85 -20.48
CA ILE A 227 -4.73 -22.66 -20.95
C ILE A 227 -3.85 -21.42 -20.77
N GLN A 228 -3.91 -20.52 -21.75
CA GLN A 228 -3.08 -19.33 -21.74
C GLN A 228 -3.69 -18.20 -20.90
N SER A 229 -2.83 -17.33 -20.40
CA SER A 229 -3.24 -16.26 -19.49
C SER A 229 -2.64 -14.91 -19.87
N VAL A 230 -3.49 -13.92 -20.11
CA VAL A 230 -3.03 -12.59 -20.46
C VAL A 230 -3.66 -11.51 -19.57
N THR A 231 -2.86 -10.50 -19.23
CA THR A 231 -3.29 -9.41 -18.35
C THR A 231 -3.82 -8.24 -19.17
N ILE A 232 -5.04 -7.80 -18.85
CA ILE A 232 -5.67 -6.70 -19.57
C ILE A 232 -5.26 -5.36 -18.97
N GLY A 233 -5.17 -5.32 -17.64
CA GLY A 233 -4.79 -4.11 -16.95
C GLY A 233 -5.32 -4.04 -15.53
N HIS A 234 -5.11 -2.89 -14.89
CA HIS A 234 -5.53 -2.69 -13.51
C HIS A 234 -6.18 -1.32 -13.31
N LEU A 235 -6.80 -1.15 -12.15
CA LEU A 235 -7.43 0.11 -11.77
C LEU A 235 -7.04 0.44 -10.34
N ARG A 236 -6.70 1.69 -10.08
CA ARG A 236 -6.32 2.11 -8.73
C ARG A 236 -6.93 3.46 -8.40
N PRO A 237 -8.23 3.47 -8.05
CA PRO A 237 -8.82 4.69 -7.49
C PRO A 237 -8.37 4.91 -6.05
N GLY A 238 -9.04 5.81 -5.34
CA GLY A 238 -8.63 6.20 -4.00
C GLY A 238 -8.49 5.08 -2.98
N HIS A 239 -9.43 4.14 -2.96
CA HIS A 239 -9.47 3.19 -1.86
C HIS A 239 -9.69 1.76 -2.30
N HIS A 240 -9.58 1.52 -3.59
CA HIS A 240 -9.81 0.19 -4.13
C HIS A 240 -8.81 -0.09 -5.25
N ALA A 241 -8.63 -1.37 -5.56
CA ALA A 241 -7.83 -1.77 -6.71
C ALA A 241 -8.48 -2.97 -7.37
N ALA A 242 -8.35 -3.05 -8.69
CA ALA A 242 -8.89 -4.17 -9.45
C ALA A 242 -7.85 -4.71 -10.43
N HIS A 243 -7.86 -6.02 -10.65
CA HIS A 243 -6.97 -6.64 -11.62
C HIS A 243 -7.78 -7.46 -12.64
N MET A 244 -7.66 -7.08 -13.91
CA MET A 244 -8.40 -7.72 -14.99
C MET A 244 -7.52 -8.74 -15.73
N GLN A 245 -8.03 -9.95 -15.90
CA GLN A 245 -7.27 -11.03 -16.51
C GLN A 245 -8.13 -11.82 -17.49
N CYS A 246 -7.48 -12.49 -18.43
CA CYS A 246 -8.20 -13.34 -19.38
C CYS A 246 -7.50 -14.67 -19.55
N TRP A 247 -8.21 -15.75 -19.23
CA TRP A 247 -7.79 -17.10 -19.60
C TRP A 247 -8.64 -17.51 -20.78
N SER A 248 -8.04 -18.19 -21.76
CA SER A 248 -8.80 -18.54 -22.95
C SER A 248 -8.23 -19.72 -23.73
N LYS A 249 -9.13 -20.58 -24.20
CA LYS A 249 -8.77 -21.64 -25.13
C LYS A 249 -8.51 -21.03 -26.51
N SER A 250 -9.09 -19.86 -26.75
CA SER A 250 -9.07 -19.23 -28.06
C SER A 250 -7.79 -18.40 -28.30
N MET A 251 -6.80 -18.58 -27.43
CA MET A 251 -5.57 -17.80 -27.52
C MET A 251 -4.44 -18.62 -28.15
N LYS B 16 28.09 -12.76 -4.48
CA LYS B 16 26.77 -12.34 -4.03
C LYS B 16 26.85 -11.09 -3.14
N ASP B 17 26.07 -10.07 -3.48
CA ASP B 17 25.99 -8.87 -2.65
C ASP B 17 25.06 -9.11 -1.47
N ALA B 18 25.49 -10.01 -0.58
CA ALA B 18 24.72 -10.35 0.59
C ALA B 18 25.65 -10.65 1.75
N ILE B 19 25.22 -10.30 2.95
CA ILE B 19 26.00 -10.60 4.14
C ILE B 19 25.93 -12.08 4.49
N ASP B 20 27.09 -12.71 4.57
CA ASP B 20 27.17 -14.11 4.96
C ASP B 20 27.64 -14.22 6.41
N ASP B 21 26.83 -13.71 7.32
CA ASP B 21 27.07 -13.81 8.74
C ASP B 21 25.80 -14.26 9.43
N LYS B 22 25.85 -15.42 10.10
CA LYS B 22 24.68 -15.99 10.73
C LYS B 22 24.15 -15.10 11.85
N THR B 23 25.05 -14.43 12.56
CA THR B 23 24.68 -13.56 13.66
C THR B 23 23.96 -12.31 13.17
N TRP B 24 24.39 -11.78 12.04
CA TRP B 24 23.75 -10.60 11.45
C TRP B 24 22.30 -10.89 11.09
N SER B 25 22.05 -12.07 10.52
CA SER B 25 20.71 -12.42 10.05
C SER B 25 19.75 -12.73 11.19
N LYS B 26 20.26 -12.75 12.41
CA LYS B 26 19.42 -12.92 13.58
C LYS B 26 18.51 -11.71 13.77
N LEU B 27 19.06 -10.53 13.51
CA LEU B 27 18.31 -9.28 13.69
C LEU B 27 17.99 -8.57 12.38
N PHE B 28 18.79 -8.82 11.35
CA PHE B 28 18.70 -8.04 10.11
C PHE B 28 18.63 -8.92 8.86
N PRO B 29 18.07 -8.36 7.78
CA PRO B 29 18.10 -9.05 6.48
C PRO B 29 19.50 -9.02 5.86
N SER B 30 19.93 -10.13 5.26
CA SER B 30 21.26 -10.23 4.65
C SER B 30 21.36 -9.42 3.37
N ILE B 31 20.23 -9.25 2.69
CA ILE B 31 20.20 -8.50 1.45
C ILE B 31 19.43 -7.20 1.65
N VAL B 32 19.95 -6.12 1.07
CA VAL B 32 19.33 -4.81 1.21
C VAL B 32 19.35 -4.02 -0.09
N SER B 33 19.55 -4.70 -1.21
CA SER B 33 19.71 -4.04 -2.50
C SER B 33 18.40 -3.63 -3.18
N ASP B 34 17.39 -4.50 -3.11
CA ASP B 34 16.09 -4.24 -3.75
C ASP B 34 15.13 -3.56 -2.76
N PRO B 35 14.14 -2.80 -3.28
CA PRO B 35 13.29 -1.91 -2.47
C PRO B 35 12.59 -2.53 -1.27
N ASP B 36 12.25 -3.82 -1.32
CA ASP B 36 11.50 -4.43 -0.23
C ASP B 36 12.39 -4.85 0.94
N ARG B 37 13.59 -5.31 0.64
CA ARG B 37 14.57 -5.65 1.68
C ARG B 37 15.16 -4.37 2.26
N SER B 38 15.28 -3.36 1.41
CA SER B 38 15.84 -2.07 1.78
C SER B 38 14.97 -1.38 2.83
N SER B 39 13.66 -1.44 2.64
CA SER B 39 12.73 -0.84 3.58
C SER B 39 12.59 -1.75 4.79
N ASN B 40 12.71 -3.04 4.57
CA ASN B 40 12.73 -4.02 5.65
C ASN B 40 13.88 -3.76 6.62
N PHE B 41 15.06 -3.46 6.07
CA PHE B 41 16.22 -3.17 6.89
C PHE B 41 16.00 -1.93 7.74
N MET B 42 15.38 -0.92 7.13
CA MET B 42 15.09 0.33 7.83
C MET B 42 14.13 0.09 9.00
N ILE B 43 13.15 -0.77 8.79
CA ILE B 43 12.22 -1.15 9.84
C ILE B 43 12.96 -1.81 10.99
N ARG B 44 13.85 -2.74 10.66
CA ARG B 44 14.68 -3.41 11.67
C ARG B 44 15.66 -2.43 12.31
N ALA B 45 16.11 -1.45 11.54
CA ALA B 45 17.08 -0.48 12.03
C ALA B 45 16.44 0.46 13.06
N ILE B 46 15.26 0.96 12.72
CA ILE B 46 14.49 1.79 13.64
C ILE B 46 14.29 1.08 14.97
N TYR B 47 13.97 -0.20 14.90
CA TYR B 47 13.71 -1.00 16.10
C TYR B 47 14.97 -1.19 16.95
N VAL B 48 16.07 -1.58 16.30
CA VAL B 48 17.31 -1.86 17.01
C VAL B 48 17.97 -0.60 17.56
N VAL B 49 17.96 0.47 16.77
CA VAL B 49 18.62 1.69 17.20
C VAL B 49 17.89 2.34 18.37
N PHE B 50 16.58 2.52 18.26
CA PHE B 50 15.84 3.22 19.30
C PHE B 50 15.71 2.39 20.57
N SER B 51 15.73 1.06 20.43
CA SER B 51 15.87 0.18 21.59
C SER B 51 17.14 0.50 22.37
N ALA B 52 18.27 0.53 21.66
CA ALA B 52 19.56 0.82 22.27
C ALA B 52 19.53 2.17 22.99
N VAL B 53 19.00 3.18 22.32
CA VAL B 53 18.88 4.51 22.91
C VAL B 53 18.02 4.49 24.18
N LEU B 54 16.90 3.77 24.14
CA LEU B 54 16.04 3.65 25.32
C LEU B 54 16.75 3.01 26.50
N ARG B 55 17.51 1.95 26.24
CA ARG B 55 18.18 1.23 27.32
C ARG B 55 19.42 1.99 27.80
N GLN B 56 20.13 2.61 26.87
CA GLN B 56 21.42 3.23 27.17
C GLN B 56 21.26 4.56 27.89
N ARG B 57 20.16 5.27 27.63
CA ARG B 57 19.85 6.48 28.38
C ARG B 57 19.07 6.13 29.64
N ASN B 58 18.88 4.83 29.85
CA ASN B 58 18.16 4.31 31.01
C ASN B 58 16.77 4.92 31.10
N ILE B 59 16.13 5.07 29.94
CA ILE B 59 14.76 5.57 29.89
C ILE B 59 13.82 4.45 30.29
N LEU B 60 14.20 3.22 29.95
CA LEU B 60 13.48 2.04 30.40
C LEU B 60 14.42 1.07 31.12
N GLU B 61 13.86 0.33 32.06
CA GLU B 61 14.63 -0.62 32.87
C GLU B 61 15.13 -1.82 32.06
N LYS B 62 16.14 -2.49 32.60
CA LYS B 62 16.76 -3.65 31.99
C LYS B 62 15.79 -4.83 31.77
N GLU B 63 14.74 -4.90 32.58
CA GLU B 63 13.77 -5.99 32.48
C GLU B 63 12.92 -5.92 31.20
N TYR B 64 12.84 -4.73 30.60
CA TYR B 64 12.06 -4.53 29.38
C TYR B 64 12.78 -4.97 28.11
N PHE B 65 14.09 -5.24 28.21
CA PHE B 65 14.87 -5.53 27.03
C PHE B 65 15.45 -6.94 27.03
N SER B 66 15.93 -7.37 25.87
CA SER B 66 16.59 -8.66 25.71
C SER B 66 17.92 -8.46 25.01
N LYS B 67 18.94 -9.19 25.46
CA LYS B 67 20.28 -9.04 24.91
C LYS B 67 20.43 -9.77 23.59
N ASN B 68 20.98 -9.06 22.60
CA ASN B 68 21.21 -9.62 21.27
C ASN B 68 22.56 -9.22 20.72
N TYR B 69 23.00 -9.92 19.67
CA TYR B 69 24.26 -9.61 19.01
C TYR B 69 24.05 -9.15 17.57
N ILE B 70 24.59 -7.99 17.25
CA ILE B 70 24.68 -7.52 15.87
C ILE B 70 25.85 -8.23 15.20
N THR B 71 26.99 -8.24 15.88
CA THR B 71 28.14 -9.04 15.49
C THR B 71 28.62 -9.82 16.70
N GLU B 72 29.72 -10.54 16.53
CA GLU B 72 30.28 -11.31 17.64
C GLU B 72 30.86 -10.39 18.70
N ASN B 73 31.48 -9.29 18.29
CA ASN B 73 32.08 -8.35 19.22
C ASN B 73 31.08 -7.41 19.87
N LEU B 74 29.93 -7.23 19.20
CA LEU B 74 29.02 -6.15 19.55
C LEU B 74 27.64 -6.65 20.00
N SER B 75 27.26 -6.29 21.22
CA SER B 75 25.96 -6.67 21.76
C SER B 75 25.06 -5.44 21.94
N CYS B 76 23.75 -5.68 22.02
CA CYS B 76 22.79 -4.60 22.18
C CYS B 76 21.51 -5.10 22.85
N MET B 77 20.70 -4.16 23.36
CA MET B 77 19.47 -4.52 24.05
C MET B 77 18.24 -4.12 23.24
N THR B 78 17.49 -5.12 22.81
CA THR B 78 16.26 -4.89 22.06
C THR B 78 15.02 -5.11 22.93
N LEU B 79 13.97 -4.33 22.67
CA LEU B 79 12.73 -4.44 23.44
C LEU B 79 12.17 -5.86 23.31
N SER B 80 11.67 -6.39 24.42
CA SER B 80 11.14 -7.76 24.44
C SER B 80 9.63 -7.78 24.24
N PHE B 81 9.16 -8.76 23.48
CA PHE B 81 7.74 -8.89 23.17
C PHE B 81 7.04 -9.76 24.19
N LYS B 82 7.76 -10.12 25.26
CA LYS B 82 7.18 -10.85 26.38
C LYS B 82 6.53 -9.88 27.35
N ASN B 83 7.09 -8.67 27.41
CA ASN B 83 6.58 -7.62 28.28
C ASN B 83 5.60 -6.72 27.52
N LEU B 84 4.38 -6.60 28.03
CA LEU B 84 3.32 -5.87 27.34
C LEU B 84 3.68 -4.39 27.12
N ARG B 85 4.25 -3.78 28.16
CA ARG B 85 4.69 -2.39 28.11
C ARG B 85 5.75 -2.19 27.04
N ALA B 86 6.73 -3.09 26.98
CA ALA B 86 7.79 -3.00 25.98
C ALA B 86 7.28 -3.40 24.60
N HIS B 87 6.36 -4.36 24.56
CA HIS B 87 5.77 -4.82 23.30
C HIS B 87 5.07 -3.65 22.62
N GLN B 88 4.36 -2.85 23.41
CA GLN B 88 3.63 -1.69 22.91
C GLN B 88 4.56 -0.67 22.27
N ILE B 89 5.69 -0.41 22.91
CA ILE B 89 6.63 0.56 22.38
C ILE B 89 7.24 0.09 21.07
N ALA B 90 7.52 -1.21 20.97
CA ALA B 90 8.02 -1.79 19.74
C ALA B 90 7.01 -1.65 18.60
N GLN B 91 5.73 -1.68 18.94
CA GLN B 91 4.66 -1.55 17.95
C GLN B 91 4.63 -0.15 17.36
N LEU B 92 4.90 0.85 18.19
CA LEU B 92 5.04 2.22 17.73
C LEU B 92 6.17 2.32 16.70
N LEU B 93 7.26 1.60 16.97
CA LEU B 93 8.42 1.63 16.10
C LEU B 93 8.16 0.85 14.82
N ARG B 94 7.42 -0.25 14.94
CA ARG B 94 7.05 -1.07 13.80
C ARG B 94 6.17 -0.29 12.84
N ALA B 95 5.18 0.42 13.38
CA ALA B 95 4.25 1.18 12.55
C ALA B 95 4.96 2.32 11.84
N ALA B 96 5.86 2.99 12.55
CA ALA B 96 6.66 4.05 11.95
C ALA B 96 7.52 3.48 10.82
N GLY B 97 8.08 2.29 11.06
CA GLY B 97 8.85 1.61 10.04
C GLY B 97 8.02 1.28 8.82
N ASP B 98 6.76 0.87 9.06
CA ASP B 98 5.86 0.53 7.97
C ASP B 98 5.60 1.73 7.07
N ALA B 99 5.60 2.92 7.65
CA ALA B 99 5.40 4.14 6.87
C ALA B 99 6.57 4.41 5.92
N THR B 100 7.77 3.99 6.30
CA THR B 100 8.92 4.20 5.41
C THR B 100 8.79 3.32 4.18
N LYS B 101 8.21 2.14 4.36
CA LYS B 101 7.95 1.24 3.25
C LYS B 101 6.96 1.87 2.28
N ASP B 102 6.02 2.65 2.82
CA ASP B 102 5.05 3.37 2.01
C ASP B 102 5.64 4.67 1.48
N GLY B 103 6.72 5.13 2.11
CA GLY B 103 7.39 6.35 1.70
C GLY B 103 6.83 7.62 2.32
N PHE B 104 6.20 7.48 3.48
CA PHE B 104 5.48 8.61 4.08
C PHE B 104 6.10 9.15 5.37
N LEU B 105 7.18 8.52 5.83
CA LEU B 105 7.82 8.96 7.07
C LEU B 105 9.03 9.83 6.78
N LYS B 106 8.95 11.10 7.15
CA LYS B 106 10.05 12.04 6.98
C LYS B 106 11.06 11.89 8.11
N GLU B 107 10.56 11.79 9.34
CA GLU B 107 11.43 11.73 10.51
C GLU B 107 10.73 11.12 11.71
N ILE B 108 11.43 10.25 12.43
CA ILE B 108 10.94 9.81 13.73
C ILE B 108 11.98 10.14 14.80
N SER B 109 11.51 10.71 15.90
CA SER B 109 12.39 11.17 16.96
C SER B 109 11.96 10.67 18.33
N LEU B 110 12.94 10.31 19.15
CA LEU B 110 12.69 10.05 20.56
C LEU B 110 12.91 11.36 21.31
N VAL B 111 11.84 11.89 21.89
CA VAL B 111 11.89 13.22 22.49
C VAL B 111 11.75 13.15 24.00
N VAL B 112 12.74 13.69 24.71
CA VAL B 112 12.70 13.72 26.17
C VAL B 112 12.36 15.13 26.67
N THR B 113 11.40 15.21 27.59
CA THR B 113 11.00 16.48 28.20
C THR B 113 10.95 16.37 29.71
N GLU B 114 10.99 17.49 30.41
CA GLU B 114 10.83 17.49 31.86
C GLU B 114 9.37 17.28 32.24
N HIS B 115 8.48 17.91 31.48
CA HIS B 115 7.06 17.80 31.76
C HIS B 115 6.29 17.18 30.59
N ASP B 116 5.33 16.32 30.91
CA ASP B 116 4.43 15.74 29.92
C ASP B 116 3.23 16.65 29.73
N GLY B 117 3.07 17.21 28.53
CA GLY B 117 3.97 16.95 27.43
C GLY B 117 4.35 18.23 26.72
N ASP B 118 5.58 18.69 26.97
CA ASP B 118 6.04 19.97 26.46
C ASP B 118 6.45 19.87 24.99
N VAL B 119 6.48 21.01 24.32
CA VAL B 119 6.90 21.06 22.92
C VAL B 119 8.41 21.24 22.83
N GLU B 120 9.01 21.77 23.89
CA GLU B 120 10.46 21.94 23.94
C GLU B 120 11.11 20.75 24.64
N ALA B 121 12.28 20.34 24.13
CA ALA B 121 12.93 19.13 24.62
C ALA B 121 14.31 19.37 25.23
N ILE B 122 14.67 18.53 26.19
CA ILE B 122 15.99 18.54 26.81
C ILE B 122 16.93 17.60 26.08
N GLU B 123 16.36 16.62 25.38
CA GLU B 123 17.15 15.60 24.68
C GLU B 123 16.37 15.05 23.48
N VAL B 124 17.03 15.00 22.32
CA VAL B 124 16.39 14.55 21.09
C VAL B 124 17.27 13.56 20.31
N PHE B 125 16.73 12.37 20.07
CA PHE B 125 17.37 11.42 19.16
C PHE B 125 16.54 11.32 17.90
N SER B 126 17.06 11.87 16.81
CA SER B 126 16.28 12.02 15.59
C SER B 126 16.81 11.18 14.45
N MET B 127 15.90 10.47 13.76
CA MET B 127 16.25 9.73 12.57
C MET B 127 15.48 10.28 11.37
N LYS B 128 16.20 10.87 10.42
CA LYS B 128 15.55 11.47 9.25
C LYS B 128 15.78 10.64 8.00
N PHE B 129 14.79 10.62 7.12
CA PHE B 129 14.78 9.70 5.98
C PHE B 129 14.78 10.40 4.62
N ILE B 130 15.39 9.73 3.65
CA ILE B 130 15.40 10.16 2.26
C ILE B 130 14.99 8.98 1.39
N TYR B 131 14.12 9.21 0.42
CA TYR B 131 13.59 8.12 -0.41
C TYR B 131 14.09 8.22 -1.85
N PHE B 132 14.32 7.07 -2.47
CA PHE B 132 14.85 7.02 -3.83
C PHE B 132 13.96 6.19 -4.76
N GLU B 133 13.59 6.77 -5.90
CA GLU B 133 12.83 6.02 -6.89
C GLU B 133 13.23 6.43 -8.31
N ASN B 134 13.35 5.46 -9.21
CA ASN B 134 13.14 4.05 -8.87
C ASN B 134 14.43 3.23 -8.95
N GLY B 135 15.43 3.78 -9.63
CA GLY B 135 16.72 3.12 -9.73
C GLY B 135 17.42 2.98 -8.39
N GLY B 136 17.15 3.92 -7.49
CA GLY B 136 17.75 3.90 -6.17
C GLY B 136 18.85 4.93 -5.98
N VAL B 137 19.28 5.55 -7.08
CA VAL B 137 20.37 6.53 -7.03
C VAL B 137 19.86 7.97 -6.91
N VAL B 138 18.78 8.29 -7.62
CA VAL B 138 18.23 9.65 -7.66
C VAL B 138 17.26 9.90 -6.51
N ALA B 139 17.51 10.95 -5.74
CA ALA B 139 16.69 11.28 -4.58
C ALA B 139 15.32 11.84 -4.96
N ARG B 140 14.28 11.36 -4.29
CA ARG B 140 12.92 11.83 -4.51
C ARG B 140 12.72 13.17 -3.83
N LEU B 141 11.80 13.99 -4.36
CA LEU B 141 11.51 15.30 -3.77
C LEU B 141 10.19 15.85 -4.26
N PRO B 151 19.88 20.59 5.73
CA PRO B 151 21.15 20.77 6.44
C PRO B 151 22.15 19.66 6.13
N HIS B 152 21.83 18.44 6.57
CA HIS B 152 22.62 17.27 6.25
C HIS B 152 21.95 16.51 5.12
N PHE B 153 20.85 17.08 4.63
CA PHE B 153 20.06 16.48 3.55
C PHE B 153 20.90 16.34 2.28
N ALA B 154 21.66 17.38 1.96
CA ALA B 154 22.45 17.40 0.73
C ALA B 154 23.45 16.25 0.68
N GLU B 155 24.22 16.11 1.74
CA GLU B 155 25.28 15.09 1.81
C GLU B 155 24.71 13.67 1.79
N LEU B 156 23.55 13.47 2.41
CA LEU B 156 22.95 12.14 2.47
C LEU B 156 22.36 11.72 1.12
N ALA B 157 21.78 12.69 0.41
CA ALA B 157 21.17 12.42 -0.90
C ALA B 157 22.24 12.08 -1.94
N GLN B 158 23.45 12.59 -1.74
CA GLN B 158 24.56 12.29 -2.65
C GLN B 158 25.18 10.94 -2.32
N LEU B 159 25.07 10.53 -1.06
CA LEU B 159 25.63 9.25 -0.61
C LEU B 159 24.99 8.10 -1.37
N ARG B 160 25.81 7.19 -1.87
CA ARG B 160 25.31 6.09 -2.69
C ARG B 160 25.42 4.76 -1.97
N TYR B 161 24.70 3.77 -2.48
CA TYR B 161 24.72 2.42 -1.94
C TYR B 161 26.04 1.75 -2.31
N GLU B 162 26.74 1.24 -1.29
CA GLU B 162 28.07 0.67 -1.50
C GLU B 162 28.13 -0.82 -1.13
N GLY B 163 26.97 -1.48 -1.13
CA GLY B 163 26.91 -2.90 -0.86
C GLY B 163 26.39 -3.22 0.52
N ALA B 164 26.02 -4.48 0.75
CA ALA B 164 25.45 -4.90 2.02
C ALA B 164 26.48 -4.78 3.15
N GLU B 165 27.75 -4.92 2.81
CA GLU B 165 28.82 -4.84 3.79
C GLU B 165 28.98 -3.41 4.31
N SER B 166 28.81 -2.43 3.42
CA SER B 166 28.86 -1.03 3.81
C SER B 166 27.72 -0.71 4.78
N VAL B 167 26.56 -1.30 4.54
CA VAL B 167 25.39 -1.05 5.38
C VAL B 167 25.59 -1.66 6.77
N ARG B 168 26.18 -2.86 6.80
CA ARG B 168 26.48 -3.52 8.07
C ARG B 168 27.48 -2.71 8.89
N ASP B 169 28.52 -2.22 8.24
CA ASP B 169 29.50 -1.39 8.93
C ASP B 169 28.85 -0.11 9.45
N GLN B 170 27.96 0.47 8.66
CA GLN B 170 27.22 1.64 9.10
C GLN B 170 26.37 1.35 10.34
N MET B 171 25.78 0.16 10.39
CA MET B 171 24.94 -0.21 11.53
C MET B 171 25.75 -0.49 12.80
N VAL B 172 26.87 -1.19 12.62
CA VAL B 172 27.82 -1.41 13.72
C VAL B 172 28.30 -0.08 14.29
N THR B 173 28.63 0.85 13.40
CA THR B 173 29.10 2.18 13.81
C THR B 173 28.05 2.89 14.65
N ILE B 174 26.81 2.88 14.16
CA ILE B 174 25.71 3.60 14.81
C ILE B 174 25.45 3.11 16.24
N VAL B 175 25.45 1.80 16.44
CA VAL B 175 25.14 1.24 17.75
C VAL B 175 26.30 1.45 18.72
N ARG B 176 27.53 1.29 18.23
CA ARG B 176 28.72 1.59 19.00
C ARG B 176 28.75 3.05 19.46
N SER B 177 28.36 3.96 18.56
CA SER B 177 28.37 5.38 18.85
C SER B 177 27.28 5.73 19.87
N VAL B 178 26.09 5.16 19.67
CA VAL B 178 25.00 5.31 20.62
C VAL B 178 25.41 4.82 21.99
N GLN B 179 25.94 3.59 22.05
CA GLN B 179 26.42 3.04 23.31
C GLN B 179 27.51 3.93 23.90
N PHE B 180 28.42 4.44 23.07
CA PHE B 180 29.50 5.28 23.57
C PHE B 180 29.00 6.66 24.00
N LEU B 181 28.14 7.26 23.18
CA LEU B 181 27.59 8.59 23.48
C LEU B 181 26.78 8.58 24.78
N CYS B 182 25.97 7.54 24.97
CA CYS B 182 25.08 7.51 26.12
C CYS B 182 25.79 7.15 27.43
N THR B 183 26.92 6.45 27.33
CA THR B 183 27.53 5.88 28.53
C THR B 183 28.77 6.64 29.01
N LYS B 184 29.42 7.40 28.12
CA LYS B 184 30.69 8.03 28.45
C LYS B 184 30.83 9.47 27.95
N VAL B 185 29.77 10.01 27.34
CA VAL B 185 29.79 11.39 26.89
C VAL B 185 28.66 12.20 27.52
N LEU B 186 27.45 11.66 27.48
CA LEU B 186 26.28 12.35 28.00
C LEU B 186 26.18 12.30 29.53
N GLU B 187 25.72 13.40 30.11
CA GLU B 187 25.34 13.44 31.51
C GLU B 187 24.07 12.62 31.71
N PRO B 188 23.92 11.98 32.88
CA PRO B 188 22.71 11.21 33.17
C PRO B 188 21.44 12.04 33.02
N LEU B 189 20.35 11.41 32.62
CA LEU B 189 19.07 12.10 32.55
C LEU B 189 18.60 12.54 33.94
N PRO B 190 17.87 13.66 34.01
CA PRO B 190 17.32 14.17 35.28
C PRO B 190 16.52 13.13 36.04
N ALA B 191 16.24 13.40 37.32
CA ALA B 191 15.47 12.50 38.15
C ALA B 191 14.01 12.42 37.69
N GLU B 192 13.55 13.48 37.05
CA GLU B 192 12.19 13.54 36.52
C GLU B 192 12.19 13.90 35.03
N PHE B 193 11.48 13.11 34.23
CA PHE B 193 11.35 13.43 32.82
C PHE B 193 10.15 12.72 32.19
N THR B 194 9.87 13.10 30.95
CA THR B 194 8.91 12.38 30.12
C THR B 194 9.49 12.18 28.72
N ALA B 195 9.51 10.93 28.27
CA ALA B 195 10.02 10.61 26.95
C ALA B 195 8.89 10.33 25.98
N ASN B 196 8.95 10.93 24.79
CA ASN B 196 7.93 10.76 23.76
C ASN B 196 8.53 10.36 22.41
N PHE B 197 7.76 9.64 21.60
CA PHE B 197 8.09 9.45 20.19
C PHE B 197 7.22 10.38 19.37
N ARG B 198 7.86 11.14 18.48
CA ARG B 198 7.16 12.11 17.66
C ARG B 198 7.68 12.03 16.24
N LEU B 199 6.79 12.16 15.26
CA LEU B 199 7.22 12.00 13.88
C LEU B 199 6.67 13.08 12.95
N LYS B 200 7.28 13.16 11.76
CA LYS B 200 6.85 14.10 10.74
C LYS B 200 6.52 13.34 9.46
N TYR B 201 5.38 13.65 8.87
CA TYR B 201 4.96 13.02 7.63
C TYR B 201 5.60 13.72 6.43
N THR B 202 5.85 12.97 5.37
CA THR B 202 6.33 13.56 4.12
C THR B 202 5.21 14.35 3.47
N ASN B 203 5.57 15.21 2.52
CA ASN B 203 4.59 15.99 1.77
C ASN B 203 3.64 15.09 0.99
N ASP B 204 4.13 13.89 0.63
CA ASP B 204 3.38 12.90 -0.13
C ASP B 204 2.17 12.33 0.60
N ALA B 205 2.27 12.24 1.92
CA ALA B 205 1.28 11.53 2.73
C ALA B 205 -0.14 12.04 2.54
N PRO B 206 -1.09 11.12 2.31
CA PRO B 206 -2.52 11.47 2.27
C PRO B 206 -3.01 12.03 3.61
N SER B 207 -3.94 12.97 3.56
CA SER B 207 -4.47 13.61 4.76
C SER B 207 -5.04 12.60 5.76
N ASN B 208 -5.69 11.57 5.22
CA ASN B 208 -6.39 10.60 6.04
C ASN B 208 -5.56 9.37 6.39
N PHE B 209 -4.32 9.35 5.90
CA PHE B 209 -3.39 8.31 6.31
C PHE B 209 -2.75 8.65 7.66
N ARG B 210 -2.85 7.73 8.61
CA ARG B 210 -2.31 7.96 9.94
C ARG B 210 -1.54 6.74 10.45
N ILE B 211 -0.33 6.97 10.94
CA ILE B 211 0.47 5.90 11.52
C ILE B 211 -0.11 5.46 12.87
N ASP B 212 -0.29 4.16 13.03
CA ASP B 212 -0.94 3.60 14.22
C ASP B 212 -0.15 3.90 15.49
N GLY B 213 -0.84 4.46 16.48
CA GLY B 213 -0.24 4.75 17.77
C GLY B 213 0.16 6.19 17.89
N PHE B 214 0.04 6.93 16.78
CA PHE B 214 0.42 8.33 16.74
C PHE B 214 -0.78 9.22 16.46
N ASP B 215 -1.08 10.09 17.41
CA ASP B 215 -2.15 11.06 17.23
C ASP B 215 -1.62 12.30 16.51
N ASP B 216 -2.41 12.84 15.60
CA ASP B 216 -2.00 14.03 14.86
C ASP B 216 -1.84 15.23 15.81
N SER B 217 -0.88 16.08 15.51
CA SER B 217 -0.58 17.24 16.36
C SER B 217 -0.14 18.43 15.52
N SER B 218 -0.42 19.64 16.01
CA SER B 218 0.02 20.86 15.34
C SER B 218 1.48 21.15 15.64
N THR B 219 1.98 20.56 16.72
CA THR B 219 3.35 20.83 17.16
C THR B 219 4.22 19.58 17.11
N PHE B 220 5.49 19.78 16.79
CA PHE B 220 6.46 18.70 16.68
C PHE B 220 7.30 18.66 17.95
N TYR B 221 8.52 19.18 17.86
CA TYR B 221 9.35 19.40 19.03
C TYR B 221 10.21 20.65 18.82
N THR B 222 10.53 21.33 19.93
CA THR B 222 11.31 22.55 19.87
C THR B 222 12.71 22.32 20.44
N LEU B 223 13.70 23.05 19.91
CA LEU B 223 15.05 22.97 20.42
C LEU B 223 15.49 24.29 21.05
N PRO B 224 16.06 24.22 22.26
CA PRO B 224 16.68 25.40 22.89
C PRO B 224 17.80 25.95 22.02
N ASP B 225 18.08 27.25 22.12
CA ASP B 225 19.10 27.86 21.28
C ASP B 225 20.50 27.50 21.76
N GLY B 226 20.62 27.03 22.99
CA GLY B 226 21.91 26.69 23.55
C GLY B 226 22.24 25.20 23.48
N ILE B 227 21.39 24.43 22.82
CA ILE B 227 21.58 22.98 22.77
C ILE B 227 22.63 22.62 21.72
N GLN B 228 23.43 21.60 22.03
CA GLN B 228 24.48 21.14 21.12
C GLN B 228 24.16 19.75 20.62
N SER B 229 24.70 19.39 19.46
CA SER B 229 24.39 18.12 18.83
C SER B 229 25.61 17.37 18.31
N VAL B 230 25.46 16.06 18.15
CA VAL B 230 26.50 15.24 17.55
C VAL B 230 25.86 14.28 16.53
N THR B 231 26.60 13.98 15.47
CA THR B 231 26.10 13.06 14.46
C THR B 231 26.44 11.62 14.83
N ILE B 232 25.41 10.80 14.99
CA ILE B 232 25.59 9.41 15.38
C ILE B 232 26.00 8.56 14.18
N GLY B 233 25.39 8.81 13.02
CA GLY B 233 25.79 8.15 11.80
C GLY B 233 24.69 8.11 10.76
N HIS B 234 24.96 7.40 9.66
CA HIS B 234 23.98 7.31 8.60
C HIS B 234 23.80 5.87 8.13
N LEU B 235 22.65 5.59 7.53
CA LEU B 235 22.36 4.28 6.98
C LEU B 235 22.05 4.42 5.49
N ARG B 236 22.50 3.47 4.70
CA ARG B 236 22.31 3.54 3.25
C ARG B 236 22.14 2.17 2.61
N PRO B 237 20.93 1.59 2.74
CA PRO B 237 20.59 0.40 1.97
C PRO B 237 20.30 0.75 0.51
N GLY B 238 19.76 -0.21 -0.24
CA GLY B 238 19.54 -0.05 -1.67
C GLY B 238 18.72 1.16 -2.10
N HIS B 239 17.60 1.41 -1.45
CA HIS B 239 16.68 2.43 -1.94
C HIS B 239 16.21 3.41 -0.87
N HIS B 240 16.97 3.48 0.22
CA HIS B 240 16.64 4.38 1.32
C HIS B 240 17.89 4.96 1.97
N ALA B 241 17.71 6.07 2.67
CA ALA B 241 18.81 6.72 3.37
C ALA B 241 18.32 7.27 4.70
N ALA B 242 19.14 7.13 5.75
CA ALA B 242 18.76 7.63 7.07
C ALA B 242 19.89 8.38 7.74
N HIS B 243 19.53 9.45 8.43
CA HIS B 243 20.50 10.26 9.16
C HIS B 243 20.13 10.31 10.65
N MET B 244 21.09 10.01 11.51
CA MET B 244 20.82 9.93 12.95
C MET B 244 21.60 11.00 13.73
N GLN B 245 20.88 11.80 14.52
CA GLN B 245 21.49 12.87 15.30
C GLN B 245 21.04 12.86 16.75
N CYS B 246 21.78 13.57 17.60
CA CYS B 246 21.40 13.72 19.00
C CYS B 246 21.63 15.14 19.51
N TRP B 247 20.54 15.82 19.85
CA TRP B 247 20.61 17.07 20.60
C TRP B 247 20.37 16.77 22.07
N SER B 248 21.16 17.38 22.95
CA SER B 248 20.99 17.12 24.38
C SER B 248 21.53 18.25 25.26
N LYS B 249 20.80 18.55 26.33
CA LYS B 249 21.25 19.50 27.33
C LYS B 249 22.25 18.81 28.25
N SER B 250 22.38 17.49 28.09
CA SER B 250 23.28 16.68 28.90
C SER B 250 24.65 16.58 28.24
N MET B 251 24.87 17.34 27.18
CA MET B 251 26.10 17.26 26.42
C MET B 251 27.04 18.41 26.75
N ALA C 2 -14.06 -20.30 -0.12
CA ALA C 2 -15.06 -20.86 0.78
C ALA C 2 -16.48 -20.67 0.24
N ARG C 3 -16.86 -19.42 0.04
CA ARG C 3 -18.22 -19.10 -0.44
C ARG C 3 -18.21 -18.50 -1.84
N TYR C 4 -19.11 -19.01 -2.69
CA TYR C 4 -19.19 -18.56 -4.08
C TYR C 4 -20.62 -18.16 -4.46
N GLY C 5 -20.75 -17.44 -5.58
CA GLY C 5 -22.05 -17.05 -6.09
C GLY C 5 -22.12 -17.20 -7.60
N VAL C 6 -23.18 -17.85 -8.08
CA VAL C 6 -23.38 -18.06 -9.51
C VAL C 6 -24.65 -17.36 -9.98
N SER C 7 -24.56 -16.59 -11.06
CA SER C 7 -25.71 -15.88 -11.60
C SER C 7 -26.84 -16.85 -11.95
N ASN C 8 -28.07 -16.43 -11.71
CA ASN C 8 -29.23 -17.27 -11.98
C ASN C 8 -29.62 -17.27 -13.46
N THR C 9 -29.38 -16.15 -14.13
CA THR C 9 -29.62 -16.09 -15.56
C THR C 9 -28.29 -16.23 -16.29
N SER C 10 -28.31 -16.99 -17.38
CA SER C 10 -27.10 -17.27 -18.13
C SER C 10 -27.35 -17.10 -19.63
N ILE C 11 -26.27 -17.12 -20.40
CA ILE C 11 -26.38 -16.88 -21.83
C ILE C 11 -25.94 -18.11 -22.63
N ASN C 12 -26.84 -18.62 -23.46
CA ASN C 12 -26.51 -19.78 -24.30
C ASN C 12 -26.55 -19.46 -25.79
N ARG C 13 -25.64 -20.08 -26.54
CA ARG C 13 -25.71 -20.08 -28.00
C ARG C 13 -25.88 -21.52 -28.48
N LYS C 14 -26.87 -21.74 -29.33
CA LYS C 14 -27.18 -23.07 -29.84
C LYS C 14 -26.90 -23.18 -31.33
N ALA D 2 4.11 21.46 8.80
CA ALA D 2 3.15 20.72 7.99
C ALA D 2 2.33 19.77 8.86
N ARG D 3 2.61 18.47 8.75
CA ARG D 3 1.88 17.48 9.52
C ARG D 3 2.79 16.70 10.45
N TYR D 4 2.37 16.54 11.70
CA TYR D 4 3.16 15.84 12.71
C TYR D 4 2.34 14.80 13.47
N GLY D 5 3.04 13.87 14.11
CA GLY D 5 2.38 12.84 14.89
C GLY D 5 3.07 12.60 16.22
N VAL D 6 2.28 12.48 17.28
CA VAL D 6 2.81 12.24 18.62
C VAL D 6 2.23 10.95 19.19
N SER D 7 3.09 10.09 19.71
CA SER D 7 2.66 8.80 20.23
C SER D 7 1.67 8.98 21.39
N ASN D 8 0.69 8.09 21.45
CA ASN D 8 -0.34 8.15 22.48
C ASN D 8 0.21 7.85 23.88
N THR D 9 0.94 6.74 24.00
CA THR D 9 1.52 6.37 25.28
C THR D 9 2.94 6.93 25.40
N SER D 10 3.27 7.44 26.58
CA SER D 10 4.60 8.03 26.81
C SER D 10 5.22 7.50 28.10
N ILE D 11 6.54 7.68 28.21
CA ILE D 11 7.29 7.17 29.35
C ILE D 11 7.66 8.31 30.31
N ASN D 12 7.21 8.22 31.55
CA ASN D 12 7.57 9.22 32.55
C ASN D 12 8.31 8.60 33.74
N ARG D 13 9.27 9.34 34.28
CA ARG D 13 9.92 8.96 35.52
C ARG D 13 9.59 10.00 36.57
N LYS D 14 8.99 9.56 37.68
CA LYS D 14 8.57 10.46 38.74
C LYS D 14 9.38 10.25 40.01
N LYS D 15 9.71 11.34 40.70
CA LYS D 15 10.29 11.29 42.03
C LYS D 15 10.36 12.67 42.65
#